data_8Q95
#
_entry.id   8Q95
#
_cell.length_a   82.222
_cell.length_b   89.560
_cell.length_c   72.198
_cell.angle_alpha   90.00
_cell.angle_beta   111.63
_cell.angle_gamma   90.00
#
_symmetry.space_group_name_H-M   'C 1 2 1'
#
loop_
_entity.id
_entity.type
_entity.pdbx_description
1 polymer 'Spike protein S1'
2 polymer 'Nanobody Ma3F05'
3 polymer 'Nanobody Ma16B06'
4 water water
#
loop_
_entity_poly.entity_id
_entity_poly.type
_entity_poly.pdbx_seq_one_letter_code
_entity_poly.pdbx_strand_id
1 'polypeptide(L)'
;EGSNLCPFDEVFDATRFASVYAWNRKRISNCVADYSVLYNLAPFFTFKCYGVSPTKLNDLSFTNVYADSFVIRGDEVRQI
APGQTGNIADYNYKLPDDFTGCVIAWNSNKLDSKVSGNYNYLYRLFRKSNLKPFERDISTEIYQAGNKPCNGVAGFNCYF
PLRSYSFRPTYGVGHQPYRVVVLSFEL
;
A
2 'polypeptide(L)'
;GSQVQLVESGGDLVQSGGSLKLACAVSGVTLDGYSIGWFRQAPGKEREAVSYSEKSNGPTYYVASVKGRFTISRDNAKNT
AYLQMNNLKPEDTGIYYCAADEAYYHERGWQSPLGWPYWGQGTQVTVSSTS
;
B
3 'polypeptide(L)'
;GSQVQLVESGGGLVRTGGSLRLSCAASGSILQIWAMKWYRQAPGLQREWIATIPNSGEPFYASSVEGRFTGSRENEETVY
LYLNNLEPEDTAVYYCEVNEGVPVREYWGQGTQVTVSSTS
;
C
#
# COMPACT_ATOMS: atom_id res chain seq x y z
N ASN A 4 15.92 -27.30 -4.23
CA ASN A 4 16.87 -26.30 -3.73
C ASN A 4 16.18 -24.95 -3.83
N LEU A 5 15.18 -24.74 -2.98
CA LEU A 5 14.29 -23.59 -3.12
C LEU A 5 14.86 -22.35 -2.43
N CYS A 6 14.78 -21.21 -3.11
CA CYS A 6 15.20 -19.96 -2.50
C CYS A 6 14.35 -19.72 -1.25
N PRO A 7 14.95 -19.44 -0.11
CA PRO A 7 14.20 -19.33 1.15
C PRO A 7 13.52 -17.97 1.33
N PHE A 8 12.67 -17.60 0.35
CA PHE A 8 11.95 -16.34 0.42
C PHE A 8 11.15 -16.23 1.71
N ASP A 9 10.56 -17.36 2.14
CA ASP A 9 9.75 -17.31 3.36
C ASP A 9 10.62 -17.01 4.58
N GLU A 10 11.89 -17.42 4.57
CA GLU A 10 12.76 -17.11 5.69
C GLU A 10 13.23 -15.67 5.64
N VAL A 11 13.68 -15.22 4.47
CA VAL A 11 14.29 -13.89 4.44
C VAL A 11 13.24 -12.81 4.55
N PHE A 12 11.98 -13.06 4.20
CA PHE A 12 10.99 -12.01 4.23
C PHE A 12 10.03 -12.20 5.39
N ASP A 13 10.33 -13.13 6.27
CA ASP A 13 9.70 -13.25 7.58
C ASP A 13 10.34 -12.20 8.47
N ALA A 14 9.81 -10.98 8.42
CA ALA A 14 10.46 -9.87 9.12
C ALA A 14 9.41 -8.98 9.77
N THR A 15 9.73 -8.47 10.96
CA THR A 15 8.81 -7.54 11.60
C THR A 15 8.56 -6.32 10.75
N ARG A 16 9.60 -5.78 10.15
CA ARG A 16 9.51 -4.56 9.35
C ARG A 16 10.14 -4.82 8.01
N PHE A 17 9.58 -4.22 6.97
CA PHE A 17 10.16 -4.16 5.65
C PHE A 17 10.84 -2.80 5.45
N ALA A 18 11.66 -2.73 4.41
CA ALA A 18 12.21 -1.45 3.96
C ALA A 18 11.09 -0.52 3.48
N SER A 19 11.29 0.78 3.74
CA SER A 19 10.52 1.79 3.01
C SER A 19 10.94 1.79 1.55
N VAL A 20 9.98 2.18 0.71
CA VAL A 20 10.18 2.12 -0.73
C VAL A 20 11.31 3.06 -1.20
N TYR A 21 11.46 4.24 -0.57
CA TYR A 21 12.57 5.11 -1.02
C TYR A 21 13.89 4.47 -0.67
N ALA A 22 13.91 3.65 0.38
CA ALA A 22 15.15 2.98 0.83
C ALA A 22 15.05 1.49 0.58
N TRP A 23 14.57 1.13 -0.58
CA TRP A 23 14.23 -0.27 -0.85
C TRP A 23 15.44 -1.16 -0.64
N ASN A 24 15.18 -2.33 -0.07
CA ASN A 24 16.23 -3.28 0.26
C ASN A 24 16.53 -4.24 -0.87
N ARG A 25 17.83 -4.54 -1.07
CA ARG A 25 18.23 -5.59 -2.01
C ARG A 25 18.93 -6.71 -1.25
N LYS A 26 18.45 -7.94 -1.43
CA LYS A 26 19.12 -9.14 -0.91
C LYS A 26 19.59 -9.99 -2.08
N ARG A 27 20.82 -10.47 -2.01
CA ARG A 27 21.29 -11.45 -2.97
C ARG A 27 21.11 -12.83 -2.37
N ILE A 28 20.37 -13.68 -3.06
CA ILE A 28 20.08 -15.05 -2.64
C ILE A 28 20.69 -15.95 -3.70
N SER A 29 21.62 -16.83 -3.32
CA SER A 29 22.40 -17.53 -4.34
C SER A 29 22.04 -19.01 -4.48
N ASN A 30 22.26 -19.52 -5.69
CA ASN A 30 22.21 -20.93 -6.03
C ASN A 30 20.92 -21.59 -5.56
N CYS A 31 19.82 -21.12 -6.13
CA CYS A 31 18.52 -21.63 -5.66
C CYS A 31 17.49 -21.50 -6.77
N VAL A 32 16.41 -22.28 -6.62
CA VAL A 32 15.26 -22.28 -7.50
C VAL A 32 14.23 -21.29 -6.95
N ALA A 33 13.74 -20.37 -7.79
CA ALA A 33 12.77 -19.38 -7.31
C ALA A 33 11.36 -19.97 -7.42
N ASP A 34 10.79 -20.39 -6.29
CA ASP A 34 9.53 -21.12 -6.32
C ASP A 34 8.46 -20.39 -5.53
N TYR A 35 7.25 -20.31 -6.14
CA TYR A 35 6.07 -19.65 -5.56
C TYR A 35 5.52 -20.39 -4.35
N SER A 36 5.63 -21.72 -4.30
CA SER A 36 5.04 -22.41 -3.17
C SER A 36 5.43 -21.78 -1.82
N VAL A 37 6.66 -21.23 -1.69
CA VAL A 37 7.14 -20.92 -0.34
C VAL A 37 6.49 -19.69 0.21
N LEU A 38 5.94 -18.87 -0.69
CA LEU A 38 5.26 -17.61 -0.36
C LEU A 38 4.06 -17.82 0.53
N TYR A 39 3.48 -19.00 0.55
CA TYR A 39 2.26 -19.17 1.33
C TYR A 39 2.54 -19.22 2.82
N ASN A 40 3.80 -19.42 3.20
CA ASN A 40 4.17 -19.12 4.57
C ASN A 40 4.13 -17.60 4.83
N LEU A 41 4.20 -16.76 3.78
CA LEU A 41 4.15 -15.31 3.98
C LEU A 41 2.71 -14.79 4.04
N ALA A 42 1.79 -15.48 3.40
CA ALA A 42 0.50 -14.82 3.15
C ALA A 42 -0.39 -15.82 2.48
N PRO A 43 -1.70 -15.71 2.65
CA PRO A 43 -2.59 -16.70 2.04
C PRO A 43 -2.83 -16.47 0.58
N PHE A 44 -2.61 -15.26 0.07
CA PHE A 44 -2.65 -15.09 -1.37
C PHE A 44 -1.80 -13.89 -1.75
N PHE A 45 -1.47 -13.85 -3.02
CA PHE A 45 -0.48 -12.87 -3.43
C PHE A 45 -0.70 -12.57 -4.90
N THR A 46 -0.21 -11.43 -5.28
CA THR A 46 0.08 -11.18 -6.70
C THR A 46 1.39 -11.85 -7.02
N PHE A 47 1.47 -12.56 -8.16
CA PHE A 47 2.75 -13.13 -8.59
C PHE A 47 2.72 -13.17 -10.10
N LYS A 48 3.64 -12.44 -10.71
CA LYS A 48 3.66 -12.37 -12.17
C LYS A 48 5.08 -12.07 -12.60
N CYS A 49 5.39 -12.31 -13.88
CA CYS A 49 6.72 -11.98 -14.36
C CYS A 49 6.64 -11.21 -15.67
N TYR A 50 7.64 -10.34 -15.88
CA TYR A 50 7.82 -9.66 -17.16
C TYR A 50 8.92 -10.33 -17.96
N GLY A 51 8.68 -10.50 -19.26
CA GLY A 51 9.69 -11.00 -20.16
C GLY A 51 9.96 -12.48 -20.09
N VAL A 52 9.30 -13.20 -19.18
CA VAL A 52 9.48 -14.64 -19.00
C VAL A 52 8.21 -15.11 -18.28
N SER A 53 7.80 -16.36 -18.55
CA SER A 53 6.67 -16.90 -17.80
C SER A 53 7.14 -17.47 -16.46
N PRO A 54 6.34 -17.40 -15.40
CA PRO A 54 6.72 -18.05 -14.14
C PRO A 54 6.98 -19.55 -14.29
N THR A 55 6.35 -20.19 -15.29
CA THR A 55 6.53 -21.61 -15.50
C THR A 55 7.97 -21.92 -15.87
N LYS A 56 8.65 -20.98 -16.55
CA LYS A 56 10.04 -21.28 -16.91
C LYS A 56 10.97 -21.34 -15.71
N LEU A 57 10.55 -20.81 -14.58
CA LEU A 57 11.32 -20.85 -13.35
C LEU A 57 11.31 -22.24 -12.71
N ASN A 58 10.41 -23.11 -13.15
CA ASN A 58 10.30 -24.42 -12.53
C ASN A 58 11.62 -25.17 -12.67
N ASP A 59 12.12 -25.66 -11.54
CA ASP A 59 13.33 -26.48 -11.44
C ASP A 59 14.60 -25.80 -11.97
N LEU A 60 14.57 -24.49 -12.21
CA LEU A 60 15.73 -23.78 -12.77
C LEU A 60 16.45 -23.10 -11.62
N SER A 61 17.66 -23.59 -11.31
CA SER A 61 18.44 -22.96 -10.28
C SER A 61 19.23 -21.79 -10.86
N PHE A 62 19.23 -20.68 -10.13
CA PHE A 62 19.94 -19.48 -10.55
C PHE A 62 21.18 -19.31 -9.72
N THR A 63 22.27 -18.90 -10.37
CA THR A 63 23.45 -18.55 -9.61
C THR A 63 23.16 -17.45 -8.61
N ASN A 64 22.39 -16.41 -9.01
CA ASN A 64 22.00 -15.39 -8.07
C ASN A 64 20.58 -14.96 -8.36
N VAL A 65 19.83 -14.73 -7.30
CA VAL A 65 18.52 -14.11 -7.40
C VAL A 65 18.62 -12.85 -6.58
N TYR A 66 18.33 -11.69 -7.19
CA TYR A 66 18.35 -10.41 -6.48
C TYR A 66 16.91 -10.07 -6.13
N ALA A 67 16.61 -9.96 -4.84
CA ALA A 67 15.24 -9.75 -4.36
C ALA A 67 15.18 -8.36 -3.77
N ASP A 68 14.38 -7.49 -4.39
CA ASP A 68 14.30 -6.12 -3.95
C ASP A 68 12.96 -5.99 -3.23
N SER A 69 12.96 -5.43 -2.02
CA SER A 69 11.73 -5.47 -1.20
C SER A 69 11.43 -4.13 -0.56
N PHE A 70 10.12 -3.89 -0.36
CA PHE A 70 9.69 -2.62 0.21
C PHE A 70 8.20 -2.71 0.47
N VAL A 71 7.68 -1.66 1.12
CA VAL A 71 6.22 -1.53 1.33
C VAL A 71 5.72 -0.29 0.63
N ILE A 72 4.57 -0.45 -0.04
CA ILE A 72 3.85 0.65 -0.73
C ILE A 72 2.35 0.40 -0.50
N ARG A 73 1.53 1.37 -0.91
CA ARG A 73 0.07 1.17 -0.86
C ARG A 73 -0.34 0.10 -1.86
N GLY A 74 -1.44 -0.59 -1.55
CA GLY A 74 -1.95 -1.55 -2.52
C GLY A 74 -2.18 -0.96 -3.89
N ASP A 75 -2.74 0.31 -3.95
CA ASP A 75 -3.00 0.86 -5.23
C ASP A 75 -1.80 1.40 -5.94
N GLU A 76 -0.60 1.14 -5.41
CA GLU A 76 0.63 1.52 -6.06
C GLU A 76 1.38 0.31 -6.57
N VAL A 77 0.86 -0.89 -6.29
CA VAL A 77 1.57 -2.09 -6.77
C VAL A 77 1.61 -2.05 -8.30
N ARG A 78 0.59 -1.43 -8.93
CA ARG A 78 0.59 -1.32 -10.41
C ARG A 78 1.76 -0.50 -10.94
N GLN A 79 2.41 0.31 -10.09
CA GLN A 79 3.55 1.10 -10.59
C GLN A 79 4.84 0.30 -10.65
N ILE A 80 4.83 -0.92 -10.11
CA ILE A 80 6.07 -1.75 -10.06
C ILE A 80 6.04 -2.64 -11.29
N ALA A 81 6.34 -2.02 -12.46
CA ALA A 81 6.27 -2.71 -13.73
C ALA A 81 7.03 -1.87 -14.72
N PRO A 82 7.63 -2.49 -15.75
CA PRO A 82 8.30 -1.69 -16.77
C PRO A 82 7.34 -0.69 -17.39
N GLY A 83 7.85 0.51 -17.63
CA GLY A 83 7.12 1.50 -18.36
C GLY A 83 6.10 2.28 -17.58
N GLN A 84 5.99 2.05 -16.27
CA GLN A 84 4.95 2.77 -15.55
C GLN A 84 5.45 4.15 -15.13
N THR A 85 4.51 5.03 -14.79
CA THR A 85 4.82 6.40 -14.41
C THR A 85 4.11 6.67 -13.10
N GLY A 86 4.49 7.74 -12.43
CA GLY A 86 3.99 8.07 -11.10
C GLY A 86 5.12 8.19 -10.11
N ASN A 87 4.78 8.73 -8.91
CA ASN A 87 5.89 9.07 -8.03
C ASN A 87 6.61 7.83 -7.51
N ILE A 88 5.96 6.66 -7.42
CA ILE A 88 6.72 5.48 -6.98
C ILE A 88 7.67 5.03 -8.09
N ALA A 89 7.15 4.83 -9.30
CA ALA A 89 8.03 4.38 -10.39
C ALA A 89 9.11 5.41 -10.72
N ASP A 90 8.79 6.70 -10.63
CA ASP A 90 9.72 7.73 -11.10
C ASP A 90 10.73 8.15 -10.03
N TYR A 91 10.33 8.14 -8.77
CA TYR A 91 11.16 8.74 -7.73
C TYR A 91 11.62 7.76 -6.66
N ASN A 92 11.08 6.56 -6.60
CA ASN A 92 11.41 5.60 -5.53
C ASN A 92 12.01 4.29 -6.05
N TYR A 93 11.33 3.61 -6.99
CA TYR A 93 11.83 2.31 -7.44
C TYR A 93 11.44 2.13 -8.89
N LYS A 94 12.42 2.05 -9.80
CA LYS A 94 12.20 2.11 -11.23
CA LYS A 94 12.22 2.12 -11.24
C LYS A 94 12.70 0.84 -11.88
N LEU A 95 11.85 0.23 -12.71
CA LEU A 95 12.32 -0.95 -13.44
C LEU A 95 12.68 -0.54 -14.86
N PRO A 96 13.59 -1.21 -15.53
CA PRO A 96 13.88 -0.83 -16.92
C PRO A 96 12.75 -1.21 -17.86
N ASP A 97 12.68 -0.49 -18.98
CA ASP A 97 11.64 -0.77 -19.98
C ASP A 97 11.66 -2.22 -20.42
N ASP A 98 12.84 -2.82 -20.48
CA ASP A 98 12.97 -4.18 -20.96
C ASP A 98 13.10 -5.19 -19.83
N PHE A 99 12.59 -4.86 -18.65
CA PHE A 99 12.82 -5.70 -17.47
C PHE A 99 12.39 -7.13 -17.72
N THR A 100 13.25 -8.08 -17.38
CA THR A 100 12.86 -9.47 -17.20
C THR A 100 13.02 -9.85 -15.74
N GLY A 101 11.95 -10.33 -15.13
CA GLY A 101 11.96 -10.69 -13.73
C GLY A 101 10.52 -10.74 -13.23
N CYS A 102 10.36 -10.78 -11.89
CA CYS A 102 9.03 -11.05 -11.36
C CYS A 102 8.68 -10.12 -10.23
N VAL A 103 7.35 -9.95 -10.02
CA VAL A 103 6.84 -9.07 -8.98
C VAL A 103 5.91 -9.91 -8.12
N ILE A 104 6.12 -9.86 -6.81
CA ILE A 104 5.30 -10.56 -5.82
C ILE A 104 4.79 -9.49 -4.87
N ALA A 105 3.51 -9.53 -4.55
CA ALA A 105 2.99 -8.59 -3.55
C ALA A 105 1.91 -9.23 -2.71
N TRP A 106 1.87 -8.84 -1.41
CA TRP A 106 0.84 -9.34 -0.53
C TRP A 106 0.42 -8.26 0.46
N ASN A 107 -0.85 -8.33 0.88
CA ASN A 107 -1.36 -7.34 1.81
C ASN A 107 -0.68 -7.58 3.15
N SER A 108 -0.19 -6.49 3.78
CA SER A 108 0.43 -6.63 5.08
C SER A 108 -0.22 -5.76 6.16
N ASN A 109 -1.51 -5.47 5.99
CA ASN A 109 -2.21 -4.64 6.96
C ASN A 109 -2.06 -5.12 8.40
N LYS A 110 -2.07 -6.43 8.64
CA LYS A 110 -1.98 -6.88 10.02
C LYS A 110 -0.60 -6.62 10.61
N LEU A 111 0.43 -6.58 9.79
CA LEU A 111 1.77 -6.36 10.35
C LEU A 111 2.22 -4.90 10.31
N ASP A 112 1.75 -4.15 9.30
CA ASP A 112 2.38 -2.88 8.99
C ASP A 112 1.47 -1.68 9.28
N SER A 113 0.24 -1.89 9.69
CA SER A 113 -0.66 -0.80 10.07
CA SER A 113 -0.61 -0.77 10.08
C SER A 113 -0.75 -0.75 11.59
N LYS A 114 -1.08 0.44 12.13
CA LYS A 114 -1.25 0.58 13.57
C LYS A 114 -2.47 1.44 13.79
N VAL A 115 -3.22 1.16 14.87
CA VAL A 115 -4.38 2.03 15.16
C VAL A 115 -3.94 3.48 15.34
N SER A 116 -2.78 3.69 15.95
CA SER A 116 -2.28 5.05 16.17
C SER A 116 -1.65 5.66 14.93
N GLY A 117 -1.56 4.91 13.79
CA GLY A 117 -0.88 5.32 12.55
C GLY A 117 0.56 4.80 12.55
N ASN A 118 0.91 4.04 11.55
CA ASN A 118 2.32 3.63 11.43
C ASN A 118 2.99 4.64 10.52
N TYR A 119 3.86 5.46 11.10
CA TYR A 119 4.55 6.50 10.35
C TYR A 119 5.91 6.04 9.82
N ASN A 120 6.31 4.79 10.13
CA ASN A 120 7.66 4.33 9.78
C ASN A 120 7.91 4.23 8.28
N TYR A 121 6.89 3.93 7.48
CA TYR A 121 7.05 3.71 6.05
C TYR A 121 6.93 5.02 5.32
N LEU A 122 8.00 5.38 4.60
CA LEU A 122 8.06 6.68 3.90
C LEU A 122 8.18 6.44 2.41
N TYR A 123 7.88 7.49 1.64
CA TYR A 123 8.05 7.44 0.19
C TYR A 123 8.56 8.80 -0.25
N ARG A 124 9.26 8.87 -1.39
CA ARG A 124 9.64 10.15 -1.98
C ARG A 124 8.53 10.71 -2.89
N LEU A 125 8.19 11.96 -2.66
CA LEU A 125 7.15 12.63 -3.43
C LEU A 125 7.71 13.66 -4.40
N PHE A 126 8.89 14.25 -4.12
CA PHE A 126 9.45 15.30 -4.95
C PHE A 126 10.88 14.92 -5.35
N ARG A 127 11.24 15.11 -6.61
CA ARG A 127 12.61 14.85 -7.05
C ARG A 127 12.85 15.64 -8.34
N LYS A 128 14.11 16.08 -8.54
CA LYS A 128 14.43 16.96 -9.66
C LYS A 128 14.45 16.21 -10.97
N SER A 129 14.66 14.91 -10.93
CA SER A 129 14.66 14.09 -12.14
C SER A 129 14.19 12.71 -11.76
N ASN A 130 13.92 11.89 -12.77
CA ASN A 130 13.48 10.52 -12.51
C ASN A 130 14.70 9.66 -12.20
N LEU A 131 14.47 8.66 -11.36
CA LEU A 131 15.51 7.66 -11.14
C LEU A 131 15.83 6.93 -12.42
N LYS A 132 17.09 6.49 -12.54
CA LYS A 132 17.43 5.45 -13.49
C LYS A 132 16.95 4.09 -12.98
N PRO A 133 16.81 3.11 -13.87
CA PRO A 133 16.39 1.77 -13.41
C PRO A 133 17.34 1.24 -12.33
N PHE A 134 16.76 0.70 -11.27
CA PHE A 134 17.43 0.13 -10.10
C PHE A 134 18.28 1.15 -9.31
N GLU A 135 18.04 2.46 -9.52
CA GLU A 135 18.70 3.45 -8.70
C GLU A 135 17.95 3.63 -7.38
N ARG A 136 18.69 3.97 -6.32
CA ARG A 136 18.14 4.23 -4.98
C ARG A 136 18.55 5.64 -4.60
N ASP A 137 17.57 6.44 -4.11
CA ASP A 137 17.87 7.78 -3.59
C ASP A 137 17.42 7.81 -2.13
N ILE A 138 18.38 7.94 -1.19
CA ILE A 138 18.04 8.04 0.24
C ILE A 138 18.38 9.43 0.79
N SER A 139 18.58 10.41 -0.09
CA SER A 139 18.91 11.77 0.35
C SER A 139 17.69 12.46 0.94
N THR A 140 17.96 13.51 1.71
CA THR A 140 16.88 14.21 2.42
C THR A 140 17.07 15.70 2.28
N GLU A 141 17.56 16.13 1.10
CA GLU A 141 17.72 17.56 0.85
C GLU A 141 16.37 18.20 0.66
N ILE A 142 16.22 19.45 1.10
CA ILE A 142 14.97 20.17 0.83
C ILE A 142 14.85 20.41 -0.65
N TYR A 143 13.67 20.12 -1.21
CA TYR A 143 13.43 20.25 -2.64
C TYR A 143 13.04 21.70 -2.98
N GLN A 144 13.79 22.32 -3.90
CA GLN A 144 13.62 23.73 -4.23
C GLN A 144 12.64 23.86 -5.38
N ALA A 145 11.40 24.24 -5.09
CA ALA A 145 10.39 24.28 -6.13
C ALA A 145 10.30 25.63 -6.83
N GLY A 146 10.95 26.68 -6.31
CA GLY A 146 10.98 27.98 -6.95
C GLY A 146 12.41 28.42 -7.16
N ASN A 147 12.63 29.72 -7.31
CA ASN A 147 13.95 30.26 -7.61
C ASN A 147 14.67 30.72 -6.34
N LYS A 148 14.01 30.74 -5.18
CA LYS A 148 14.75 31.17 -4.00
C LYS A 148 15.36 29.96 -3.27
N PRO A 149 16.57 30.07 -2.74
CA PRO A 149 17.19 28.92 -2.06
C PRO A 149 16.48 28.59 -0.76
N CYS A 150 16.42 27.29 -0.46
CA CYS A 150 15.71 26.85 0.72
C CYS A 150 16.52 26.97 1.98
N ASN A 151 17.85 26.95 1.89
CA ASN A 151 18.74 26.99 3.05
C ASN A 151 18.37 25.94 4.09
N GLY A 152 18.06 24.73 3.63
CA GLY A 152 17.79 23.59 4.49
C GLY A 152 16.52 23.65 5.30
N VAL A 153 15.63 24.61 5.01
CA VAL A 153 14.37 24.77 5.75
C VAL A 153 13.21 24.58 4.79
N ALA A 154 12.26 23.71 5.16
CA ALA A 154 11.04 23.62 4.40
C ALA A 154 10.21 24.88 4.62
N GLY A 155 9.35 25.16 3.64
CA GLY A 155 8.59 26.39 3.65
C GLY A 155 8.00 26.64 2.28
N PHE A 156 7.65 27.89 2.04
CA PHE A 156 7.08 28.28 0.75
C PHE A 156 8.01 27.87 -0.38
N ASN A 157 7.50 27.00 -1.27
CA ASN A 157 8.21 26.50 -2.44
C ASN A 157 9.42 25.65 -2.07
N CYS A 158 9.50 25.20 -0.82
CA CYS A 158 10.66 24.44 -0.32
C CYS A 158 10.14 23.21 0.43
N TYR A 159 10.23 22.02 -0.15
CA TYR A 159 9.54 20.89 0.42
C TYR A 159 10.49 19.86 1.02
N PHE A 160 10.14 19.34 2.20
CA PHE A 160 10.78 18.11 2.56
C PHE A 160 10.39 17.03 1.56
N PRO A 161 11.32 16.19 1.10
CA PRO A 161 11.04 15.42 -0.12
C PRO A 161 10.31 14.13 0.13
N LEU A 162 10.26 13.67 1.38
CA LEU A 162 9.59 12.41 1.71
C LEU A 162 8.29 12.69 2.44
N ARG A 163 7.41 11.72 2.36
CA ARG A 163 6.17 11.77 3.14
C ARG A 163 5.95 10.40 3.76
N SER A 164 5.08 10.34 4.77
CA SER A 164 4.78 9.07 5.41
C SER A 164 3.44 8.50 4.92
N TYR A 165 3.37 7.16 4.86
CA TYR A 165 2.13 6.47 4.49
C TYR A 165 1.13 6.38 5.65
N SER A 166 1.58 6.64 6.89
CA SER A 166 0.72 6.69 8.09
C SER A 166 -0.32 5.56 8.11
N PHE A 167 0.12 4.33 7.88
CA PHE A 167 -0.86 3.25 7.70
C PHE A 167 -1.69 2.97 8.94
N ARG A 168 -3.04 2.95 8.78
CA ARG A 168 -4.00 2.61 9.83
C ARG A 168 -4.88 1.48 9.31
N PRO A 169 -5.27 0.54 10.17
CA PRO A 169 -5.90 -0.69 9.70
C PRO A 169 -7.25 -0.48 9.09
N THR A 170 -7.87 0.67 9.34
CA THR A 170 -9.18 1.04 8.83
C THR A 170 -9.10 1.74 7.49
N TYR A 171 -7.93 1.95 6.95
CA TYR A 171 -7.85 2.45 5.58
C TYR A 171 -8.50 1.45 4.63
N GLY A 172 -9.01 1.97 3.50
CA GLY A 172 -9.46 1.05 2.46
C GLY A 172 -8.29 0.25 1.90
N VAL A 173 -8.63 -0.90 1.28
CA VAL A 173 -7.56 -1.84 0.89
C VAL A 173 -6.55 -1.17 -0.02
N GLY A 174 -7.01 -0.26 -0.87
CA GLY A 174 -6.08 0.43 -1.77
C GLY A 174 -4.99 1.24 -1.08
N HIS A 175 -5.26 1.76 0.13
CA HIS A 175 -4.24 2.48 0.88
C HIS A 175 -3.67 1.70 2.05
N GLN A 176 -3.96 0.38 2.10
CA GLN A 176 -3.32 -0.49 3.09
C GLN A 176 -1.92 -0.84 2.61
N PRO A 177 -1.05 -1.21 3.53
CA PRO A 177 0.32 -1.58 3.14
C PRO A 177 0.34 -2.93 2.43
N TYR A 178 1.18 -3.01 1.40
CA TYR A 178 1.53 -4.25 0.71
C TYR A 178 3.03 -4.41 0.74
N ARG A 179 3.44 -5.60 1.09
CA ARG A 179 4.85 -6.02 1.00
C ARG A 179 5.06 -6.45 -0.44
N VAL A 180 6.13 -5.95 -1.03
CA VAL A 180 6.43 -6.24 -2.43
C VAL A 180 7.84 -6.81 -2.50
N VAL A 181 8.04 -7.80 -3.37
CA VAL A 181 9.37 -8.38 -3.61
C VAL A 181 9.52 -8.44 -5.11
N VAL A 182 10.58 -7.86 -5.64
CA VAL A 182 10.86 -7.88 -7.07
C VAL A 182 12.07 -8.75 -7.27
N LEU A 183 11.96 -9.73 -8.17
CA LEU A 183 13.05 -10.67 -8.41
C LEU A 183 13.70 -10.39 -9.75
N SER A 184 15.04 -10.34 -9.73
CA SER A 184 15.80 -10.36 -10.96
CA SER A 184 15.88 -10.30 -10.92
C SER A 184 16.78 -11.52 -10.86
N PHE A 185 17.14 -12.05 -12.02
CA PHE A 185 17.79 -13.36 -12.11
C PHE A 185 19.13 -13.28 -12.82
N GLU A 186 20.09 -14.02 -12.28
CA GLU A 186 21.37 -14.21 -12.96
C GLU A 186 21.56 -15.71 -13.05
N LEU A 187 21.53 -16.26 -14.26
CA LEU A 187 21.80 -17.67 -14.42
C LEU A 187 23.15 -18.03 -13.80
N GLN B 3 -1.08 5.55 -25.11
CA GLN B 3 -0.81 4.33 -24.34
C GLN B 3 -2.08 3.44 -24.27
N VAL B 4 -2.05 2.41 -23.43
CA VAL B 4 -3.10 1.38 -23.43
C VAL B 4 -4.43 2.00 -23.04
N GLN B 5 -5.44 1.77 -23.86
CA GLN B 5 -6.80 2.16 -23.53
C GLN B 5 -7.67 0.92 -23.65
N LEU B 6 -8.52 0.68 -22.66
CA LEU B 6 -9.46 -0.45 -22.70
C LEU B 6 -10.88 0.06 -22.62
N VAL B 7 -11.79 -0.52 -23.39
CA VAL B 7 -13.18 -0.08 -23.40
C VAL B 7 -14.06 -1.33 -23.43
N GLU B 8 -14.77 -1.59 -22.34
CA GLU B 8 -15.72 -2.68 -22.28
C GLU B 8 -17.07 -2.30 -22.89
N SER B 9 -17.73 -3.30 -23.46
CA SER B 9 -19.08 -3.17 -23.94
C SER B 9 -19.78 -4.52 -23.84
N GLY B 10 -21.12 -4.47 -24.04
CA GLY B 10 -21.96 -5.64 -24.14
C GLY B 10 -22.80 -5.90 -22.90
N GLY B 11 -22.57 -5.15 -21.83
CA GLY B 11 -23.39 -5.29 -20.64
C GLY B 11 -24.85 -4.99 -20.94
N ASP B 12 -25.72 -5.71 -20.24
CA ASP B 12 -27.15 -5.57 -20.50
C ASP B 12 -27.88 -6.19 -19.32
N LEU B 13 -29.17 -5.92 -19.28
CA LEU B 13 -30.08 -6.58 -18.37
C LEU B 13 -30.49 -7.87 -19.06
N VAL B 14 -30.42 -8.98 -18.35
CA VAL B 14 -30.79 -10.26 -18.93
C VAL B 14 -31.45 -11.13 -17.87
N GLN B 15 -32.26 -12.09 -18.31
CA GLN B 15 -32.97 -12.96 -17.37
C GLN B 15 -32.09 -14.14 -17.00
N SER B 16 -32.22 -14.58 -15.74
CA SER B 16 -31.49 -15.74 -15.26
C SER B 16 -31.54 -16.89 -16.27
N GLY B 17 -30.39 -17.54 -16.47
CA GLY B 17 -30.28 -18.61 -17.43
C GLY B 17 -29.88 -18.14 -18.80
N GLY B 18 -29.89 -16.83 -19.05
CA GLY B 18 -29.55 -16.29 -20.36
C GLY B 18 -28.06 -16.13 -20.54
N SER B 19 -27.69 -15.60 -21.71
CA SER B 19 -26.30 -15.48 -22.12
C SER B 19 -26.03 -14.03 -22.49
N LEU B 20 -24.74 -13.67 -22.40
CA LEU B 20 -24.27 -12.34 -22.75
C LEU B 20 -22.83 -12.53 -23.18
N LYS B 21 -22.40 -11.79 -24.19
CA LYS B 21 -20.98 -11.74 -24.57
C LYS B 21 -20.47 -10.32 -24.40
N LEU B 22 -19.44 -10.17 -23.56
CA LEU B 22 -18.82 -8.88 -23.33
C LEU B 22 -17.60 -8.73 -24.21
N ALA B 23 -17.27 -7.49 -24.54
CA ALA B 23 -16.10 -7.21 -25.36
C ALA B 23 -15.24 -6.19 -24.65
N CYS B 24 -13.92 -6.37 -24.83
CA CYS B 24 -12.93 -5.45 -24.29
C CYS B 24 -12.10 -4.99 -25.49
N ALA B 25 -12.36 -3.78 -25.98
CA ALA B 25 -11.63 -3.25 -27.13
C ALA B 25 -10.34 -2.57 -26.66
N VAL B 26 -9.18 -3.02 -27.17
CA VAL B 26 -7.88 -2.52 -26.77
C VAL B 26 -7.41 -1.54 -27.84
N SER B 27 -6.96 -0.37 -27.41
CA SER B 27 -6.40 0.62 -28.30
C SER B 27 -5.00 0.98 -27.84
N GLY B 28 -4.18 1.45 -28.78
CA GLY B 28 -2.86 1.97 -28.50
C GLY B 28 -1.76 0.93 -28.48
N VAL B 29 -2.10 -0.35 -28.33
CA VAL B 29 -1.11 -1.43 -28.34
C VAL B 29 -1.74 -2.63 -29.02
N THR B 30 -0.88 -3.56 -29.41
CA THR B 30 -1.31 -4.81 -30.01
C THR B 30 -1.75 -5.78 -28.91
N LEU B 31 -2.91 -6.40 -29.08
CA LEU B 31 -3.48 -7.22 -28.01
C LEU B 31 -2.60 -8.44 -27.70
N ASP B 32 -1.89 -8.97 -28.70
CA ASP B 32 -1.13 -10.21 -28.50
C ASP B 32 -0.05 -10.06 -27.43
N GLY B 33 0.49 -8.86 -27.23
CA GLY B 33 1.51 -8.61 -26.25
C GLY B 33 1.01 -8.38 -24.85
N TYR B 34 -0.30 -8.49 -24.63
CA TYR B 34 -0.86 -8.23 -23.31
C TYR B 34 -1.69 -9.40 -22.81
N SER B 35 -1.53 -9.69 -21.51
CA SER B 35 -2.43 -10.61 -20.81
C SER B 35 -3.66 -9.83 -20.43
N ILE B 36 -4.83 -10.50 -20.40
CA ILE B 36 -6.11 -9.84 -20.17
C ILE B 36 -6.83 -10.54 -19.02
N GLY B 37 -7.45 -9.76 -18.17
CA GLY B 37 -8.19 -10.33 -17.04
C GLY B 37 -9.56 -9.72 -17.07
N TRP B 38 -10.56 -10.54 -16.76
CA TRP B 38 -11.91 -10.00 -16.51
C TRP B 38 -12.19 -10.04 -15.02
N PHE B 39 -12.82 -8.98 -14.51
CA PHE B 39 -13.13 -8.81 -13.10
C PHE B 39 -14.55 -8.30 -13.01
N ARG B 40 -15.16 -8.45 -11.85
CA ARG B 40 -16.50 -7.88 -11.69
C ARG B 40 -16.66 -7.29 -10.29
N GLN B 41 -17.51 -6.27 -10.19
CA GLN B 41 -17.67 -5.61 -8.90
C GLN B 41 -19.17 -5.47 -8.61
N ALA B 42 -19.63 -6.20 -7.61
CA ALA B 42 -21.02 -6.12 -7.16
C ALA B 42 -21.17 -4.95 -6.22
N PRO B 43 -22.39 -4.45 -6.04
CA PRO B 43 -22.57 -3.36 -5.07
C PRO B 43 -22.11 -3.80 -3.70
N GLY B 44 -21.37 -2.92 -3.04
CA GLY B 44 -20.90 -3.19 -1.69
C GLY B 44 -19.73 -4.17 -1.60
N LYS B 45 -19.22 -4.68 -2.71
CA LYS B 45 -18.14 -5.64 -2.63
C LYS B 45 -16.91 -5.12 -3.37
N GLU B 46 -15.76 -5.73 -3.07
CA GLU B 46 -14.58 -5.38 -3.82
C GLU B 46 -14.59 -6.06 -5.20
N ARG B 47 -13.83 -5.47 -6.12
CA ARG B 47 -13.66 -6.04 -7.45
C ARG B 47 -13.08 -7.44 -7.34
N GLU B 48 -13.69 -8.41 -8.02
CA GLU B 48 -13.18 -9.77 -7.89
C GLU B 48 -12.93 -10.39 -9.26
N ALA B 49 -11.99 -11.33 -9.25
CA ALA B 49 -11.54 -11.99 -10.47
C ALA B 49 -12.62 -12.88 -11.09
N VAL B 50 -12.60 -12.93 -12.42
CA VAL B 50 -13.48 -13.82 -13.19
C VAL B 50 -12.65 -14.75 -14.07
N SER B 51 -11.80 -14.23 -14.96
CA SER B 51 -11.14 -15.08 -15.96
C SER B 51 -9.87 -14.39 -16.42
N TYR B 52 -8.90 -15.19 -16.90
CA TYR B 52 -7.59 -14.68 -17.29
C TYR B 52 -7.18 -15.31 -18.62
N SER B 53 -6.66 -14.47 -19.51
CA SER B 53 -6.10 -14.95 -20.78
C SER B 53 -4.69 -14.43 -20.95
N GLU B 54 -3.72 -15.36 -20.98
CA GLU B 54 -2.34 -14.94 -21.04
C GLU B 54 -1.98 -14.47 -22.44
N LYS B 55 -1.10 -13.47 -22.49
CA LYS B 55 -0.50 -13.04 -23.75
C LYS B 55 0.10 -14.21 -24.52
N SER B 56 0.38 -14.01 -25.80
CA SER B 56 1.21 -14.93 -26.55
C SER B 56 0.66 -16.35 -26.53
N ASN B 57 -0.67 -16.49 -26.61
CA ASN B 57 -1.33 -17.80 -26.71
C ASN B 57 -1.08 -18.67 -25.49
N GLY B 58 -0.87 -18.05 -24.33
CA GLY B 58 -0.65 -18.80 -23.12
C GLY B 58 -1.95 -19.30 -22.53
N PRO B 59 -1.91 -19.76 -21.29
CA PRO B 59 -3.08 -20.38 -20.67
C PRO B 59 -4.23 -19.42 -20.44
N THR B 60 -5.39 -20.02 -20.21
CA THR B 60 -6.58 -19.32 -19.75
C THR B 60 -7.01 -19.95 -18.44
N TYR B 61 -7.45 -19.11 -17.51
CA TYR B 61 -7.89 -19.56 -16.19
C TYR B 61 -9.22 -18.91 -15.85
N TYR B 62 -9.95 -19.61 -14.97
CA TYR B 62 -11.30 -19.22 -14.57
C TYR B 62 -11.44 -19.42 -13.06
N VAL B 63 -12.19 -18.53 -12.40
CA VAL B 63 -12.50 -18.78 -10.99
C VAL B 63 -13.56 -19.87 -10.92
N ALA B 64 -13.65 -20.52 -9.76
CA ALA B 64 -14.45 -21.76 -9.65
C ALA B 64 -15.91 -21.51 -9.96
N SER B 65 -16.40 -20.35 -9.60
CA SER B 65 -17.83 -20.09 -9.72
C SER B 65 -18.30 -19.86 -11.15
N VAL B 66 -17.40 -19.69 -12.11
CA VAL B 66 -17.78 -19.48 -13.50
C VAL B 66 -17.22 -20.57 -14.40
N LYS B 67 -16.44 -21.51 -13.88
CA LYS B 67 -15.94 -22.59 -14.69
C LYS B 67 -17.09 -23.35 -15.37
N GLY B 68 -16.93 -23.59 -16.68
CA GLY B 68 -17.91 -24.29 -17.44
C GLY B 68 -19.04 -23.41 -17.92
N ARG B 69 -19.19 -22.20 -17.39
CA ARG B 69 -20.20 -21.29 -17.92
C ARG B 69 -19.60 -20.17 -18.75
N PHE B 70 -18.43 -19.68 -18.39
CA PHE B 70 -17.85 -18.53 -19.04
C PHE B 70 -16.67 -19.00 -19.89
N THR B 71 -16.42 -18.25 -20.97
CA THR B 71 -15.28 -18.54 -21.85
C THR B 71 -14.64 -17.23 -22.25
N ILE B 72 -13.31 -17.11 -22.03
CA ILE B 72 -12.60 -15.92 -22.44
C ILE B 72 -12.01 -16.21 -23.81
N SER B 73 -11.85 -15.18 -24.65
CA SER B 73 -11.31 -15.37 -26.00
C SER B 73 -10.74 -14.06 -26.53
N ARG B 74 -10.06 -14.17 -27.66
CA ARG B 74 -9.40 -13.04 -28.28
C ARG B 74 -9.68 -13.02 -29.78
N ASP B 75 -9.75 -11.82 -30.33
CA ASP B 75 -9.78 -11.64 -31.79
C ASP B 75 -8.65 -10.69 -32.17
N ASN B 76 -7.58 -11.22 -32.77
CA ASN B 76 -6.44 -10.37 -33.10
C ASN B 76 -6.76 -9.38 -34.22
N ALA B 77 -7.64 -9.76 -35.16
CA ALA B 77 -8.02 -8.83 -36.21
C ALA B 77 -8.63 -7.56 -35.62
N LYS B 78 -9.42 -7.70 -34.56
CA LYS B 78 -10.18 -6.59 -34.01
C LYS B 78 -9.53 -6.01 -32.77
N ASN B 79 -8.33 -6.48 -32.41
CA ASN B 79 -7.65 -6.08 -31.19
C ASN B 79 -8.60 -6.05 -30.00
N THR B 80 -9.40 -7.13 -29.86
CA THR B 80 -10.46 -7.20 -28.84
C THR B 80 -10.43 -8.55 -28.13
N ALA B 81 -10.66 -8.53 -26.83
CA ALA B 81 -10.89 -9.74 -26.04
C ALA B 81 -12.35 -9.80 -25.63
N TYR B 82 -12.80 -11.01 -25.32
CA TYR B 82 -14.23 -11.25 -25.09
C TYR B 82 -14.43 -12.12 -23.86
N LEU B 83 -15.62 -12.00 -23.27
CA LEU B 83 -16.07 -12.91 -22.23
C LEU B 83 -17.45 -13.40 -22.59
N GLN B 84 -17.55 -14.65 -23.00
CA GLN B 84 -18.87 -15.24 -23.27
C GLN B 84 -19.41 -15.81 -21.96
N MET B 85 -20.63 -15.42 -21.59
CA MET B 85 -21.22 -15.81 -20.30
C MET B 85 -22.52 -16.55 -20.55
N ASN B 86 -22.56 -17.83 -20.20
CA ASN B 86 -23.74 -18.68 -20.39
C ASN B 86 -24.35 -18.98 -19.04
N ASN B 87 -25.64 -19.35 -19.08
CA ASN B 87 -26.35 -19.73 -17.87
C ASN B 87 -26.14 -18.73 -16.75
N LEU B 88 -26.42 -17.45 -17.05
CA LEU B 88 -26.17 -16.40 -16.08
C LEU B 88 -27.08 -16.55 -14.88
N LYS B 89 -26.58 -16.13 -13.74
CA LYS B 89 -27.24 -16.28 -12.46
C LYS B 89 -27.31 -14.92 -11.79
N PRO B 90 -28.30 -14.69 -10.93
CA PRO B 90 -28.31 -13.39 -10.21
C PRO B 90 -26.99 -13.03 -9.55
N GLU B 91 -26.25 -14.01 -9.01
CA GLU B 91 -24.97 -13.74 -8.37
C GLU B 91 -23.91 -13.19 -9.33
N ASP B 92 -24.14 -13.27 -10.65
CA ASP B 92 -23.21 -12.73 -11.64
C ASP B 92 -23.42 -11.23 -11.86
N THR B 93 -24.44 -10.62 -11.22
CA THR B 93 -24.70 -9.21 -11.42
C THR B 93 -23.53 -8.38 -10.94
N GLY B 94 -23.15 -7.38 -11.74
CA GLY B 94 -22.13 -6.44 -11.30
C GLY B 94 -21.60 -5.66 -12.46
N ILE B 95 -20.66 -4.75 -12.18
CA ILE B 95 -19.94 -4.04 -13.24
C ILE B 95 -18.76 -4.92 -13.62
N TYR B 96 -18.65 -5.25 -14.91
CA TYR B 96 -17.55 -6.08 -15.41
C TYR B 96 -16.49 -5.19 -16.01
N TYR B 97 -15.22 -5.47 -15.67
CA TYR B 97 -14.08 -4.69 -16.09
C TYR B 97 -13.09 -5.62 -16.74
N CYS B 98 -12.50 -5.14 -17.80
CA CYS B 98 -11.30 -5.83 -18.26
CA CYS B 98 -11.31 -5.75 -18.38
C CYS B 98 -10.05 -5.06 -17.83
N ALA B 99 -9.00 -5.83 -17.62
CA ALA B 99 -7.70 -5.32 -17.19
C ALA B 99 -6.64 -5.88 -18.12
N ALA B 100 -5.52 -5.17 -18.22
CA ALA B 100 -4.45 -5.62 -19.11
C ALA B 100 -3.12 -5.43 -18.41
N ASP B 101 -2.15 -6.26 -18.81
CA ASP B 101 -0.77 -6.22 -18.27
C ASP B 101 0.14 -6.93 -19.25
N GLU B 102 1.34 -6.37 -19.52
CA GLU B 102 2.33 -7.11 -20.30
C GLU B 102 2.86 -8.36 -19.59
N ALA B 103 2.55 -8.54 -18.32
CA ALA B 103 3.11 -9.64 -17.56
C ALA B 103 2.47 -10.99 -17.89
N TYR B 104 3.23 -12.03 -17.60
CA TYR B 104 2.76 -13.41 -17.50
C TYR B 104 2.43 -13.69 -16.05
N TYR B 105 1.15 -13.92 -15.75
CA TYR B 105 0.78 -14.19 -14.36
C TYR B 105 0.90 -15.66 -14.03
N HIS B 106 1.22 -15.95 -12.77
CA HIS B 106 1.05 -17.29 -12.24
C HIS B 106 -0.43 -17.62 -12.06
N GLU B 107 -0.75 -18.91 -12.20
CA GLU B 107 -2.14 -19.38 -12.10
C GLU B 107 -2.77 -18.97 -10.77
N ARG B 108 -1.95 -18.82 -9.72
CA ARG B 108 -2.44 -18.42 -8.41
C ARG B 108 -2.13 -16.96 -8.09
N GLY B 109 -1.63 -16.20 -9.06
CA GLY B 109 -1.19 -14.85 -8.76
C GLY B 109 -1.91 -13.71 -9.47
N TRP B 110 -3.00 -14.01 -10.19
CA TRP B 110 -3.65 -13.02 -11.03
C TRP B 110 -4.96 -12.54 -10.44
N GLN B 111 -5.47 -13.25 -9.43
CA GLN B 111 -6.85 -12.93 -9.00
C GLN B 111 -6.95 -11.62 -8.23
N SER B 112 -5.85 -11.15 -7.63
CA SER B 112 -5.95 -9.88 -6.92
CA SER B 112 -5.93 -9.89 -6.91
C SER B 112 -5.97 -8.74 -7.92
N PRO B 113 -6.98 -7.88 -7.90
CA PRO B 113 -6.98 -6.84 -8.90
C PRO B 113 -5.88 -5.83 -8.72
N LEU B 114 -5.29 -5.71 -7.53
CA LEU B 114 -4.26 -4.68 -7.35
C LEU B 114 -3.01 -4.99 -8.18
N GLY B 115 -2.84 -6.21 -8.69
CA GLY B 115 -1.70 -6.46 -9.53
C GLY B 115 -1.74 -5.74 -10.86
N TRP B 116 -2.94 -5.27 -11.31
CA TRP B 116 -3.10 -5.00 -12.73
C TRP B 116 -2.98 -3.51 -13.03
N PRO B 117 -2.20 -3.10 -14.05
CA PRO B 117 -1.96 -1.65 -14.28
C PRO B 117 -3.00 -0.94 -15.12
N TYR B 118 -3.69 -1.62 -16.06
CA TYR B 118 -4.60 -0.96 -17.01
C TYR B 118 -6.00 -1.52 -16.85
N TRP B 119 -7.00 -0.62 -16.78
CA TRP B 119 -8.39 -0.99 -16.56
C TRP B 119 -9.29 -0.21 -17.51
N GLY B 120 -10.41 -0.84 -17.90
CA GLY B 120 -11.46 -0.13 -18.58
C GLY B 120 -12.37 0.54 -17.56
N GLN B 121 -13.42 1.21 -18.08
CA GLN B 121 -14.38 1.92 -17.27
C GLN B 121 -15.52 1.04 -16.75
N GLY B 122 -15.71 -0.13 -17.35
CA GLY B 122 -16.61 -1.15 -16.88
C GLY B 122 -17.90 -1.17 -17.70
N THR B 123 -18.56 -2.32 -17.70
CA THR B 123 -19.87 -2.41 -18.38
C THR B 123 -20.82 -3.13 -17.42
N GLN B 124 -22.03 -2.60 -17.28
CA GLN B 124 -22.95 -3.12 -16.27
C GLN B 124 -23.70 -4.35 -16.78
N VAL B 125 -23.71 -5.43 -15.98
CA VAL B 125 -24.45 -6.68 -16.23
C VAL B 125 -25.42 -6.86 -15.08
N THR B 126 -26.70 -6.97 -15.38
CA THR B 126 -27.73 -7.20 -14.37
C THR B 126 -28.51 -8.44 -14.74
N VAL B 127 -28.55 -9.43 -13.85
CA VAL B 127 -29.21 -10.70 -14.11
C VAL B 127 -30.39 -10.79 -13.16
N SER B 128 -31.58 -10.83 -13.71
CA SER B 128 -32.78 -10.82 -12.92
C SER B 128 -33.23 -12.25 -12.61
N SER B 129 -33.64 -12.49 -11.36
CA SER B 129 -33.92 -13.87 -10.93
C SER B 129 -35.05 -14.55 -11.74
N GLN C 3 20.22 13.40 18.80
CA GLN C 3 20.02 14.11 20.05
C GLN C 3 18.57 14.61 20.16
N VAL C 4 17.63 13.92 19.50
CA VAL C 4 16.23 14.33 19.60
C VAL C 4 15.70 13.92 20.97
N GLN C 5 15.00 14.83 21.62
CA GLN C 5 14.43 14.64 22.95
C GLN C 5 13.08 15.32 22.99
N LEU C 6 12.30 14.95 23.98
CA LEU C 6 11.01 15.59 24.15
C LEU C 6 10.82 15.87 25.63
N VAL C 7 9.99 16.86 25.94
CA VAL C 7 9.65 17.09 27.33
C VAL C 7 8.16 17.34 27.40
N GLU C 8 7.50 16.68 28.34
CA GLU C 8 6.06 16.76 28.56
C GLU C 8 5.80 17.61 29.78
N SER C 9 4.76 18.44 29.72
CA SER C 9 4.42 19.25 30.88
C SER C 9 2.90 19.47 30.88
N GLY C 10 2.41 20.12 31.96
CA GLY C 10 1.01 20.49 32.04
C GLY C 10 0.13 19.58 32.90
N GLY C 11 0.64 18.43 33.34
CA GLY C 11 -0.11 17.60 34.26
C GLY C 11 -0.32 18.29 35.60
N GLY C 12 -1.23 17.74 36.37
CA GLY C 12 -1.51 18.32 37.68
C GLY C 12 -2.71 17.64 38.32
N LEU C 13 -3.13 18.20 39.44
CA LEU C 13 -4.30 17.73 40.18
C LEU C 13 -5.48 18.63 39.84
N VAL C 14 -6.59 18.03 39.40
CA VAL C 14 -7.79 18.81 39.14
C VAL C 14 -9.00 18.08 39.69
N ARG C 15 -10.07 18.85 39.88
CA ARG C 15 -11.37 18.29 40.27
C ARG C 15 -12.06 17.65 39.06
N THR C 16 -12.93 16.71 39.35
CA THR C 16 -13.84 16.20 38.33
C THR C 16 -14.57 17.35 37.62
N GLY C 17 -14.68 17.23 36.31
CA GLY C 17 -15.14 18.29 35.45
C GLY C 17 -14.08 19.28 35.04
N GLY C 18 -12.88 19.20 35.60
CA GLY C 18 -11.83 20.18 35.38
C GLY C 18 -11.13 20.02 34.05
N SER C 19 -10.09 20.83 33.87
CA SER C 19 -9.39 20.85 32.59
C SER C 19 -7.89 21.06 32.80
N LEU C 20 -7.11 20.53 31.87
CA LEU C 20 -5.68 20.72 31.87
C LEU C 20 -5.24 20.91 30.44
N ARG C 21 -4.03 21.43 30.23
CA ARG C 21 -3.45 21.46 28.88
C ARG C 21 -2.10 20.76 28.94
N LEU C 22 -2.00 19.59 28.33
CA LEU C 22 -0.71 18.91 28.30
C LEU C 22 0.07 19.42 27.10
N SER C 23 1.40 19.42 27.21
CA SER C 23 2.18 19.88 26.09
C SER C 23 3.32 18.91 25.88
N CYS C 24 3.70 18.75 24.63
CA CYS C 24 4.86 17.91 24.29
C CYS C 24 5.70 18.72 23.32
N ALA C 25 6.97 18.94 23.66
CA ALA C 25 7.87 19.79 22.88
C ALA C 25 9.10 18.96 22.54
N ALA C 26 9.42 18.87 21.25
CA ALA C 26 10.60 18.15 20.77
C ALA C 26 11.75 19.11 20.55
N SER C 27 12.97 18.60 20.78
CA SER C 27 14.15 19.42 20.63
C SER C 27 15.28 18.55 20.12
N GLY C 28 16.40 19.19 19.81
CA GLY C 28 17.57 18.49 19.28
C GLY C 28 17.68 18.66 17.78
N SER C 29 18.47 17.77 17.16
CA SER C 29 18.76 17.90 15.72
C SER C 29 17.66 17.20 14.92
N ILE C 30 16.59 17.94 14.72
CA ILE C 30 15.35 17.43 14.12
C ILE C 30 15.41 17.63 12.59
N LEU C 31 15.22 16.55 11.84
CA LEU C 31 15.14 16.63 10.38
C LEU C 31 13.70 16.74 9.89
N GLN C 32 12.80 15.93 10.45
CA GLN C 32 11.40 16.00 10.06
C GLN C 32 10.59 15.29 11.14
N ILE C 33 9.64 16.00 11.77
CA ILE C 33 8.72 15.33 12.68
CA ILE C 33 8.70 15.36 12.69
C ILE C 33 7.55 14.81 11.86
N TRP C 34 7.18 13.54 12.08
CA TRP C 34 6.08 12.92 11.36
C TRP C 34 4.80 12.96 12.17
N ALA C 35 4.88 12.72 13.47
CA ALA C 35 3.69 12.74 14.30
C ALA C 35 4.12 12.78 15.74
N MET C 36 3.23 13.30 16.59
CA MET C 36 3.33 13.09 18.02
CA MET C 36 3.31 13.10 18.02
C MET C 36 2.12 12.27 18.45
N LYS C 37 2.35 11.33 19.35
CA LYS C 37 1.30 10.46 19.83
C LYS C 37 1.20 10.61 21.34
N TRP C 38 -0.02 10.61 21.84
CA TRP C 38 -0.26 10.61 23.28
C TRP C 38 -0.77 9.24 23.73
N TYR C 39 -0.27 8.78 24.88
CA TYR C 39 -0.65 7.55 25.53
C TYR C 39 -0.90 7.88 26.97
N ARG C 40 -1.58 6.99 27.68
CA ARG C 40 -1.67 7.17 29.12
C ARG C 40 -1.61 5.79 29.78
N GLN C 41 -1.13 5.76 31.02
CA GLN C 41 -1.09 4.51 31.76
C GLN C 41 -1.69 4.73 33.14
N ALA C 42 -2.82 4.12 33.37
CA ALA C 42 -3.55 4.21 34.62
C ALA C 42 -3.09 3.12 35.56
N PRO C 43 -3.34 3.29 36.85
CA PRO C 43 -2.92 2.29 37.85
C PRO C 43 -3.32 0.86 37.54
N GLY C 44 -2.32 -0.01 37.41
CA GLY C 44 -2.52 -1.43 37.16
C GLY C 44 -2.99 -1.82 35.77
N LEU C 45 -3.05 -0.87 34.84
CA LEU C 45 -3.58 -1.15 33.51
C LEU C 45 -2.46 -1.10 32.47
N GLN C 46 -2.74 -1.67 31.31
CA GLN C 46 -1.81 -1.55 30.19
C GLN C 46 -1.81 -0.13 29.66
N ARG C 47 -0.68 0.25 29.07
CA ARG C 47 -0.61 1.53 28.37
C ARG C 47 -1.67 1.64 27.29
N GLU C 48 -2.28 2.80 27.19
CA GLU C 48 -3.42 3.04 26.30
C GLU C 48 -3.08 4.18 25.34
N TRP C 49 -3.15 3.89 24.01
CA TRP C 49 -3.02 4.98 23.05
C TRP C 49 -4.30 5.84 23.12
N ILE C 50 -4.15 7.18 23.13
CA ILE C 50 -5.36 8.01 23.12
C ILE C 50 -5.42 9.05 21.98
N ALA C 51 -4.28 9.50 21.44
CA ALA C 51 -4.42 10.50 20.35
C ALA C 51 -3.16 10.47 19.51
N THR C 52 -3.33 10.75 18.22
CA THR C 52 -2.22 11.04 17.32
C THR C 52 -2.41 12.41 16.71
N ILE C 53 -1.35 13.21 16.75
CA ILE C 53 -1.36 14.55 16.17
C ILE C 53 -0.31 14.52 15.08
N PRO C 54 -0.70 14.25 13.84
CA PRO C 54 0.28 14.15 12.76
C PRO C 54 0.81 15.51 12.36
N ASN C 55 1.98 15.51 11.73
CA ASN C 55 2.51 16.77 11.24
C ASN C 55 1.70 17.25 10.05
N SER C 56 1.22 16.29 9.23
CA SER C 56 0.36 16.49 8.04
C SER C 56 -0.95 15.74 8.30
N GLY C 57 -2.07 16.44 8.35
CA GLY C 57 -3.28 15.71 8.64
C GLY C 57 -3.88 16.06 10.01
N GLU C 58 -5.16 15.80 10.14
CA GLU C 58 -5.83 16.26 11.35
C GLU C 58 -5.68 15.22 12.46
N PRO C 59 -5.77 15.60 13.75
CA PRO C 59 -5.61 14.60 14.81
C PRO C 59 -6.71 13.55 14.81
N PHE C 60 -6.41 12.40 15.38
CA PHE C 60 -7.42 11.34 15.54
C PHE C 60 -7.21 10.70 16.89
N TYR C 61 -8.22 9.99 17.36
CA TYR C 61 -8.29 9.71 18.79
C TYR C 61 -8.89 8.34 19.05
N ALA C 62 -8.59 7.84 20.27
CA ALA C 62 -9.30 6.68 20.82
C ALA C 62 -10.67 7.11 21.30
N SER C 63 -11.64 6.18 21.22
CA SER C 63 -13.01 6.52 21.58
CA SER C 63 -13.00 6.54 21.57
C SER C 63 -13.15 6.88 23.05
N SER C 64 -12.22 6.43 23.88
CA SER C 64 -12.27 6.71 25.30
C SER C 64 -12.12 8.19 25.60
N VAL C 65 -11.51 8.97 24.68
CA VAL C 65 -11.25 10.37 24.97
C VAL C 65 -11.83 11.28 23.91
N GLU C 66 -12.25 10.69 22.79
CA GLU C 66 -12.61 11.53 21.65
C GLU C 66 -13.78 12.40 22.04
N GLY C 67 -13.76 13.66 21.59
CA GLY C 67 -14.79 14.62 21.95
C GLY C 67 -14.42 15.42 23.18
N ARG C 68 -13.60 14.81 24.06
CA ARG C 68 -13.27 15.46 25.33
C ARG C 68 -11.86 16.00 25.35
N PHE C 69 -10.92 15.31 24.69
CA PHE C 69 -9.51 15.71 24.63
C PHE C 69 -9.26 16.20 23.21
N THR C 70 -8.59 17.34 23.06
CA THR C 70 -8.36 17.92 21.74
C THR C 70 -6.88 18.12 21.53
N GLY C 71 -6.39 17.60 20.42
CA GLY C 71 -4.99 17.81 20.06
C GLY C 71 -4.83 19.06 19.22
N SER C 72 -3.71 19.74 19.43
CA SER C 72 -3.40 20.90 18.60
CA SER C 72 -3.39 20.94 18.67
C SER C 72 -1.92 20.90 18.27
N ARG C 73 -1.61 21.19 17.02
CA ARG C 73 -0.21 21.31 16.62
C ARG C 73 0.09 22.80 16.55
N GLU C 74 1.03 23.27 17.35
CA GLU C 74 1.31 24.70 17.35
C GLU C 74 2.42 25.06 16.38
N ASN C 75 3.38 24.15 16.19
CA ASN C 75 4.45 24.24 15.20
C ASN C 75 5.02 22.83 15.06
N GLU C 76 6.05 22.66 14.21
CA GLU C 76 6.47 21.29 13.92
C GLU C 76 6.97 20.58 15.18
N GLU C 77 7.50 21.35 16.12
CA GLU C 77 8.08 20.76 17.33
C GLU C 77 7.15 20.74 18.54
N THR C 78 5.95 21.31 18.49
CA THR C 78 5.19 21.50 19.73
C THR C 78 3.72 21.13 19.51
N VAL C 79 3.19 20.25 20.33
CA VAL C 79 1.77 19.94 20.31
C VAL C 79 1.20 20.04 21.71
N TYR C 80 -0.10 20.34 21.77
CA TYR C 80 -0.83 20.30 23.02
C TYR C 80 -1.85 19.17 22.97
N LEU C 81 -2.25 18.68 24.14
CA LEU C 81 -3.45 17.87 24.25
C LEU C 81 -4.33 18.55 25.29
N TYR C 82 -5.43 19.20 24.86
CA TYR C 82 -6.30 19.89 25.80
C TYR C 82 -7.20 18.86 26.45
N LEU C 83 -7.12 18.72 27.79
CA LEU C 83 -7.97 17.77 28.49
C LEU C 83 -9.17 18.51 29.05
N ASN C 84 -10.38 18.16 28.61
CA ASN C 84 -11.60 18.78 29.11
C ASN C 84 -12.49 17.72 29.71
N ASN C 85 -13.43 18.13 30.56
CA ASN C 85 -14.43 17.20 31.08
C ASN C 85 -13.75 16.04 31.80
N LEU C 86 -12.77 16.34 32.64
CA LEU C 86 -11.98 15.26 33.22
C LEU C 86 -12.77 14.46 34.26
N GLU C 87 -12.52 13.14 34.28
CA GLU C 87 -13.18 12.18 35.13
C GLU C 87 -12.13 11.42 35.94
N PRO C 88 -12.48 10.92 37.12
CA PRO C 88 -11.50 10.14 37.89
C PRO C 88 -10.80 9.06 37.08
N GLU C 89 -11.50 8.43 36.12
CA GLU C 89 -10.91 7.37 35.34
C GLU C 89 -9.94 7.89 34.29
N ASP C 90 -9.77 9.21 34.18
CA ASP C 90 -8.69 9.79 33.39
C ASP C 90 -7.39 9.93 34.18
N THR C 91 -7.39 9.58 35.46
CA THR C 91 -6.16 9.64 36.23
C THR C 91 -5.17 8.63 35.65
N ALA C 92 -3.97 9.10 35.35
CA ALA C 92 -2.96 8.28 34.70
C ALA C 92 -1.72 9.13 34.55
N VAL C 93 -0.64 8.47 34.19
CA VAL C 93 0.52 9.17 33.66
C VAL C 93 0.34 9.25 32.16
N TYR C 94 0.51 10.44 31.61
CA TYR C 94 0.32 10.70 30.19
C TYR C 94 1.68 10.86 29.52
N TYR C 95 1.84 10.19 28.38
CA TYR C 95 3.15 10.10 27.72
C TYR C 95 3.02 10.55 26.28
N CYS C 96 3.96 11.37 25.86
CA CYS C 96 4.14 11.72 24.45
C CYS C 96 5.19 10.84 23.78
N GLU C 97 4.88 10.38 22.56
CA GLU C 97 5.83 9.69 21.71
C GLU C 97 6.01 10.53 20.45
N VAL C 98 7.24 10.83 20.09
CA VAL C 98 7.53 11.55 18.85
C VAL C 98 8.03 10.57 17.81
N ASN C 99 7.53 10.65 16.59
CA ASN C 99 8.04 9.87 15.47
C ASN C 99 8.76 10.87 14.56
N GLU C 100 10.07 10.69 14.32
CA GLU C 100 10.85 11.76 13.73
C GLU C 100 12.02 11.17 12.96
N GLY C 101 12.43 11.85 11.88
CA GLY C 101 13.70 11.48 11.26
C GLY C 101 13.55 10.61 10.03
N VAL C 102 14.70 10.41 9.37
CA VAL C 102 14.82 9.51 8.23
C VAL C 102 16.09 8.71 8.49
N PRO C 103 15.97 7.42 8.76
CA PRO C 103 14.74 6.62 8.94
C PRO C 103 13.96 7.09 10.14
N VAL C 104 12.68 6.66 10.20
CA VAL C 104 11.83 7.09 11.29
C VAL C 104 12.27 6.45 12.60
N ARG C 105 12.41 7.27 13.62
CA ARG C 105 12.75 6.80 14.97
C ARG C 105 11.69 7.24 15.96
N GLU C 106 11.56 6.52 17.08
CA GLU C 106 10.58 6.87 18.11
C GLU C 106 11.29 7.34 19.38
N TYR C 107 10.76 8.41 19.97
CA TYR C 107 11.35 9.01 21.15
C TYR C 107 10.25 9.22 22.19
N TRP C 108 10.59 8.97 23.44
CA TRP C 108 9.68 9.04 24.56
C TRP C 108 10.28 9.90 25.66
N GLY C 109 9.45 10.21 26.66
CA GLY C 109 9.86 10.97 27.81
C GLY C 109 9.44 10.31 29.08
N GLN C 110 9.46 11.04 30.19
CA GLN C 110 9.13 10.47 31.47
C GLN C 110 7.66 10.59 31.80
N GLY C 111 6.90 11.31 30.98
CA GLY C 111 5.48 11.45 31.19
C GLY C 111 5.16 12.60 32.13
N THR C 112 3.87 12.91 32.17
CA THR C 112 3.32 13.92 33.08
C THR C 112 2.10 13.34 33.78
N GLN C 113 2.06 13.54 35.10
CA GLN C 113 1.04 12.95 35.92
C GLN C 113 -0.24 13.80 35.87
N VAL C 114 -1.38 13.16 35.63
CA VAL C 114 -2.70 13.79 35.77
C VAL C 114 -3.48 13.06 36.86
N THR C 115 -4.01 13.81 37.83
CA THR C 115 -4.78 13.24 38.91
C THR C 115 -6.10 13.99 38.97
N VAL C 116 -7.21 13.27 38.88
CA VAL C 116 -8.54 13.87 38.84
C VAL C 116 -9.26 13.41 40.11
N SER C 117 -9.52 14.34 41.02
CA SER C 117 -10.19 14.02 42.29
C SER C 117 -11.71 14.16 42.16
N SER C 118 -12.45 13.46 43.03
CA SER C 118 -13.92 13.46 42.88
C SER C 118 -14.63 14.50 43.74
#